data_2O9I
#
_entry.id   2O9I
#
_cell.length_a   83.979
_cell.length_b   90.618
_cell.length_c   105.725
_cell.angle_alpha   90.00
_cell.angle_beta   90.00
_cell.angle_gamma   90.00
#
_symmetry.space_group_name_H-M   'P 21 21 21'
#
loop_
_entity.id
_entity.type
_entity.pdbx_description
1 polymer 'Orphan nuclear receptor PXR'
2 polymer 'Nuclear Receptor Coactivator 1 isoform 3'
3 non-polymer N-(2,2,2-TRIFLUOROETHYL)-N-{4-[2,2,2-TRIFLUORO-1-HYDROXY-1-(TRIFLUOROMETHYL)ETHYL]PHENYL}BENZENESULFONAMIDE
4 water water
#
loop_
_entity_poly.entity_id
_entity_poly.type
_entity_poly.pdbx_seq_one_letter_code
_entity_poly.pdbx_strand_id
1 'polypeptide(L)'
;GLTEEQRMMIRELMDAQMKTFDTTFSHFKNFRLPGVLSSGCELPESLQAPSREEAAKWSQVRKDLCSLKVSLQLRGEDGS
VWNYKPPADSGGKEIFSLLPHMADMSTYMFKGIISFAKVISYFRDLPIEDQISLLKGAAFELSQLRFNTVFNAETGTWEC
GRLSYCLEDTAGGFQQLLLEPMLKFHYMLKKLQLHEEEYVLMQAISLFSPDRPGVLQHRVVDQLQEQFAITLKSYIECNR
PQPAHRFLFLKIMAMLTELRSINAQHTQRLLRIQDIHPFATPLMQELFGITGS
;
A,B
2 'polypeptide(L)' SLTERHKILHRLLQE C,D
#
# COMPACT_ATOMS: atom_id res chain seq x y z
N GLY A 1 27.86 25.46 36.67
CA GLY A 1 27.83 24.44 35.58
C GLY A 1 28.06 23.05 36.12
N LEU A 2 28.33 22.12 35.22
CA LEU A 2 28.57 20.72 35.59
C LEU A 2 30.06 20.52 35.83
N THR A 3 30.40 19.58 36.70
CA THR A 3 31.81 19.31 36.96
C THR A 3 32.39 18.93 35.60
N GLU A 4 33.71 18.82 35.51
CA GLU A 4 34.31 18.48 34.23
C GLU A 4 34.09 17.02 33.89
N GLU A 5 33.81 16.19 34.90
CA GLU A 5 33.58 14.77 34.66
C GLU A 5 32.19 14.67 34.02
N GLN A 6 31.25 15.41 34.58
CA GLN A 6 29.88 15.45 34.11
C GLN A 6 29.83 15.90 32.65
N ARG A 7 30.38 17.08 32.42
CA ARG A 7 30.40 17.62 31.09
C ARG A 7 30.84 16.60 30.05
N MET A 8 31.79 15.75 30.40
CA MET A 8 32.27 14.75 29.45
C MET A 8 31.49 13.44 29.49
N MET A 9 30.70 13.26 30.52
CA MET A 9 29.86 12.09 30.67
C MET A 9 28.74 12.25 29.67
N ILE A 10 28.22 13.48 29.59
CA ILE A 10 27.14 13.78 28.65
C ILE A 10 27.64 13.63 27.21
N ARG A 11 28.89 14.01 27.00
CA ARG A 11 29.50 13.94 25.68
C ARG A 11 29.66 12.50 25.17
N GLU A 12 30.14 11.60 26.03
CA GLU A 12 30.28 10.21 25.58
C GLU A 12 28.90 9.61 25.34
N LEU A 13 27.92 10.06 26.11
CA LEU A 13 26.55 9.59 25.98
C LEU A 13 26.00 10.09 24.62
N MET A 14 26.11 11.39 24.37
CA MET A 14 25.66 11.98 23.12
C MET A 14 26.37 11.35 21.93
N ASP A 15 27.68 11.25 22.03
CA ASP A 15 28.47 10.62 20.96
C ASP A 15 27.96 9.23 20.65
N ALA A 16 27.69 8.47 21.69
CA ALA A 16 27.18 7.12 21.52
C ALA A 16 25.81 7.19 20.86
N GLN A 17 25.00 8.16 21.28
CA GLN A 17 23.68 8.31 20.70
C GLN A 17 23.80 8.56 19.20
N MET A 18 24.59 9.58 18.84
CA MET A 18 24.76 9.96 17.43
C MET A 18 25.33 8.85 16.54
N LYS A 19 26.23 8.04 17.06
CA LYS A 19 26.84 6.99 16.26
C LYS A 19 26.00 5.76 16.13
N THR A 20 24.92 5.64 16.90
CA THR A 20 24.13 4.41 16.83
C THR A 20 22.62 4.59 16.68
N PHE A 21 22.16 5.83 16.61
CA PHE A 21 20.75 6.08 16.44
C PHE A 21 20.55 6.66 15.04
N ASP A 22 20.05 5.82 14.13
CA ASP A 22 19.80 6.26 12.75
C ASP A 22 18.45 6.94 12.72
N THR A 23 18.44 8.18 13.20
CA THR A 23 17.23 8.99 13.32
C THR A 23 16.37 9.15 12.05
N THR A 24 16.95 8.90 10.89
CA THR A 24 16.22 9.04 9.63
C THR A 24 15.81 7.68 9.10
N PHE A 25 16.16 6.62 9.83
CA PHE A 25 15.83 5.27 9.42
C PHE A 25 16.22 5.03 7.98
N SER A 26 17.43 5.46 7.63
CA SER A 26 17.95 5.31 6.28
C SER A 26 18.57 3.92 6.03
N HIS A 27 18.92 3.22 7.10
CA HIS A 27 19.53 1.90 6.96
C HIS A 27 18.60 0.78 7.32
N PHE A 28 17.32 1.13 7.45
CA PHE A 28 16.30 0.13 7.76
C PHE A 28 15.61 -0.25 6.46
N LYS A 29 16.04 -1.37 5.87
CA LYS A 29 15.45 -1.83 4.63
C LYS A 29 15.44 -3.35 4.57
N ASN A 30 14.76 -3.90 3.57
CA ASN A 30 14.65 -5.35 3.42
C ASN A 30 13.76 -5.87 4.54
N PHE A 31 12.72 -5.11 4.88
CA PHE A 31 11.82 -5.52 5.94
C PHE A 31 10.54 -6.11 5.35
N ARG A 32 9.83 -6.91 6.15
CA ARG A 32 8.60 -7.53 5.69
C ARG A 32 7.43 -6.57 5.72
N LEU A 33 6.43 -6.83 4.89
CA LEU A 33 5.23 -5.99 4.82
C LEU A 33 3.99 -6.88 4.76
N PRO A 34 2.82 -6.32 5.10
CA PRO A 34 1.59 -7.10 5.06
C PRO A 34 1.36 -7.44 3.60
N GLY A 35 0.90 -8.67 3.32
CA GLY A 35 0.64 -9.06 1.95
C GLY A 35 -0.52 -8.30 1.35
N VAL A 36 -0.83 -8.57 0.09
CA VAL A 36 -1.93 -7.90 -0.57
C VAL A 36 -3.21 -8.78 -0.55
N LEU A 37 -3.34 -9.53 0.56
CA LEU A 37 -4.43 -10.45 0.81
C LEU A 37 -5.76 -10.04 0.21
N SER A 51 -10.20 -26.50 23.49
CA SER A 51 -10.59 -25.28 22.81
C SER A 51 -11.30 -24.32 23.76
N ARG A 52 -11.00 -24.45 25.04
CA ARG A 52 -11.59 -23.57 26.06
C ARG A 52 -10.48 -22.76 26.71
N GLU A 53 -9.35 -23.42 26.90
CA GLU A 53 -8.19 -22.80 27.50
C GLU A 53 -7.63 -21.80 26.50
N GLU A 54 -7.42 -22.25 25.26
CA GLU A 54 -6.88 -21.40 24.22
C GLU A 54 -7.85 -20.28 23.88
N ALA A 55 -9.14 -20.57 23.99
CA ALA A 55 -10.17 -19.57 23.68
C ALA A 55 -9.96 -18.31 24.52
N ALA A 56 -9.72 -18.49 25.82
CA ALA A 56 -9.49 -17.37 26.72
C ALA A 56 -8.21 -16.66 26.32
N LYS A 57 -7.24 -17.43 25.84
CA LYS A 57 -5.97 -16.87 25.41
C LYS A 57 -6.20 -15.88 24.28
N TRP A 58 -6.94 -16.29 23.25
CA TRP A 58 -7.23 -15.39 22.13
C TRP A 58 -7.92 -14.12 22.62
N SER A 59 -8.88 -14.28 23.52
CA SER A 59 -9.59 -13.13 24.06
C SER A 59 -8.62 -12.11 24.62
N GLN A 60 -7.53 -12.59 25.23
CA GLN A 60 -6.54 -11.70 25.81
C GLN A 60 -5.64 -11.05 24.76
N VAL A 61 -5.23 -11.84 23.75
CA VAL A 61 -4.37 -11.36 22.69
C VAL A 61 -5.04 -10.22 21.94
N ARG A 62 -6.33 -10.37 21.67
CA ARG A 62 -7.10 -9.34 20.96
C ARG A 62 -7.14 -8.07 21.80
N LYS A 63 -6.97 -8.24 23.10
CA LYS A 63 -6.99 -7.13 24.02
C LYS A 63 -5.56 -6.57 24.17
N ASP A 64 -4.58 -7.37 23.76
CA ASP A 64 -3.17 -6.96 23.86
C ASP A 64 -2.70 -6.19 22.65
N LEU A 65 -3.21 -6.57 21.48
CA LEU A 65 -2.83 -5.94 20.22
C LEU A 65 -3.82 -4.85 19.89
N CYS A 66 -4.90 -4.83 20.65
CA CYS A 66 -5.99 -3.89 20.47
C CYS A 66 -5.62 -2.42 20.16
N SER A 67 -5.34 -1.63 21.20
CA SER A 67 -5.02 -0.21 21.03
C SER A 67 -3.56 0.11 20.75
N LEU A 68 -2.95 -0.73 19.92
CA LEU A 68 -1.57 -0.56 19.53
C LEU A 68 -1.64 -0.58 18.02
N LYS A 69 -2.86 -0.72 17.53
CA LYS A 69 -3.11 -0.79 16.11
C LYS A 69 -2.58 0.45 15.42
N VAL A 70 -1.80 0.25 14.36
CA VAL A 70 -1.26 1.38 13.61
C VAL A 70 -1.43 1.23 12.11
N SER A 71 -1.33 2.36 11.43
CA SER A 71 -1.42 2.44 9.98
C SER A 71 0.02 2.60 9.55
N LEU A 72 0.36 2.14 8.36
CA LEU A 72 1.72 2.22 7.87
C LEU A 72 1.74 3.04 6.59
N GLN A 73 2.63 4.03 6.52
CA GLN A 73 2.74 4.82 5.31
C GLN A 73 4.17 4.71 4.80
N LEU A 74 4.32 4.55 3.49
CA LEU A 74 5.65 4.45 2.89
C LEU A 74 5.85 5.48 1.80
N ARG A 75 6.36 6.66 2.16
CA ARG A 75 6.59 7.72 1.18
C ARG A 75 7.82 7.34 0.39
N GLY A 76 7.66 7.17 -0.91
CA GLY A 76 8.78 6.80 -1.77
C GLY A 76 9.59 7.96 -2.33
N GLU A 77 10.76 7.63 -2.87
CA GLU A 77 11.67 8.61 -3.45
C GLU A 77 10.96 9.46 -4.51
N ASP A 78 10.51 8.79 -5.57
CA ASP A 78 9.82 9.43 -6.68
C ASP A 78 8.65 10.32 -6.29
N GLY A 79 8.11 10.13 -5.08
CA GLY A 79 6.98 10.91 -4.64
C GLY A 79 5.73 10.07 -4.49
N SER A 80 5.86 8.78 -4.76
CA SER A 80 4.75 7.84 -4.64
C SER A 80 4.50 7.63 -3.16
N VAL A 81 3.31 7.18 -2.81
CA VAL A 81 2.99 6.94 -1.41
C VAL A 81 2.15 5.70 -1.22
N TRP A 82 2.74 4.67 -0.62
CA TRP A 82 2.01 3.45 -0.34
C TRP A 82 1.43 3.62 1.05
N ASN A 83 0.20 3.17 1.25
CA ASN A 83 -0.42 3.31 2.56
C ASN A 83 -1.16 2.01 2.91
N TYR A 84 -0.99 1.56 4.15
CA TYR A 84 -1.61 0.32 4.60
C TYR A 84 -2.51 0.51 5.80
N LYS A 85 -3.82 0.33 5.61
CA LYS A 85 -4.77 0.44 6.71
C LYS A 85 -5.06 -0.99 7.18
N PRO A 86 -4.75 -1.30 8.44
CA PRO A 86 -4.99 -2.63 8.99
C PRO A 86 -6.47 -3.01 9.10
N PRO A 87 -6.76 -4.30 9.28
CA PRO A 87 -8.16 -4.73 9.39
C PRO A 87 -8.79 -4.48 10.75
N ALA A 88 -10.06 -4.11 10.76
CA ALA A 88 -10.78 -3.88 12.02
C ALA A 88 -10.93 -5.24 12.73
N ASP A 89 -11.17 -5.23 14.03
CA ASP A 89 -11.27 -6.49 14.78
C ASP A 89 -12.36 -7.43 14.28
N SER A 90 -11.99 -8.71 14.18
CA SER A 90 -12.89 -9.77 13.72
C SER A 90 -12.04 -11.01 13.44
N GLY A 91 -12.72 -12.14 13.23
CA GLY A 91 -12.03 -13.38 12.94
C GLY A 91 -10.79 -13.61 13.79
N GLY A 92 -9.69 -13.97 13.13
CA GLY A 92 -8.45 -14.21 13.85
C GLY A 92 -7.23 -13.55 13.24
N LYS A 93 -6.39 -14.37 12.60
CA LYS A 93 -5.14 -13.94 11.97
C LYS A 93 -5.07 -12.50 11.46
N GLU A 94 -6.21 -11.91 11.11
CA GLU A 94 -6.24 -10.53 10.62
C GLU A 94 -5.63 -9.54 11.61
N ILE A 95 -5.58 -9.92 12.88
CA ILE A 95 -5.02 -9.04 13.89
C ILE A 95 -3.51 -9.21 14.09
N PHE A 96 -2.88 -10.00 13.21
CA PHE A 96 -1.45 -10.23 13.29
C PHE A 96 -0.76 -9.86 11.98
N SER A 97 -1.45 -9.16 11.10
CA SER A 97 -0.87 -8.83 9.79
C SER A 97 0.29 -7.86 9.77
N LEU A 98 0.42 -7.10 10.85
CA LEU A 98 1.48 -6.11 10.92
C LEU A 98 2.60 -6.52 11.90
N LEU A 99 2.50 -7.72 12.47
CA LEU A 99 3.50 -8.25 13.41
C LEU A 99 4.90 -8.54 12.86
N PRO A 100 4.98 -9.19 11.68
CA PRO A 100 6.28 -9.50 11.08
C PRO A 100 7.09 -8.24 10.76
N HIS A 101 6.42 -7.19 10.29
CA HIS A 101 7.10 -5.94 9.95
C HIS A 101 7.58 -5.28 11.24
N MET A 102 6.74 -5.31 12.25
CA MET A 102 7.09 -4.73 13.53
C MET A 102 8.32 -5.46 14.08
N ALA A 103 8.30 -6.78 13.99
CA ALA A 103 9.41 -7.57 14.49
C ALA A 103 10.71 -7.12 13.82
N ASP A 104 10.62 -6.69 12.56
CA ASP A 104 11.79 -6.24 11.86
C ASP A 104 12.20 -4.84 12.29
N MET A 105 11.23 -4.00 12.63
CA MET A 105 11.53 -2.64 13.09
C MET A 105 12.20 -2.76 14.46
N SER A 106 11.53 -3.49 15.35
CA SER A 106 12.00 -3.73 16.70
C SER A 106 13.43 -4.31 16.69
N THR A 107 13.66 -5.29 15.83
CA THR A 107 14.98 -5.90 15.73
C THR A 107 16.01 -4.89 15.23
N TYR A 108 15.62 -4.06 14.25
CA TYR A 108 16.52 -3.04 13.72
C TYR A 108 16.83 -2.08 14.88
N MET A 109 15.79 -1.70 15.62
CA MET A 109 15.97 -0.80 16.75
C MET A 109 16.86 -1.43 17.82
N PHE A 110 16.63 -2.71 18.08
CA PHE A 110 17.42 -3.40 19.09
C PHE A 110 18.91 -3.39 18.75
N LYS A 111 19.25 -3.74 17.52
CA LYS A 111 20.66 -3.74 17.12
C LYS A 111 21.31 -2.40 17.44
N GLY A 112 20.55 -1.32 17.23
CA GLY A 112 21.07 0.00 17.50
C GLY A 112 21.38 0.18 18.97
N ILE A 113 20.41 -0.20 19.81
CA ILE A 113 20.53 -0.13 21.27
C ILE A 113 21.78 -0.84 21.77
N ILE A 114 21.97 -2.06 21.27
CA ILE A 114 23.13 -2.87 21.64
C ILE A 114 24.41 -2.15 21.29
N SER A 115 24.44 -1.52 20.11
CA SER A 115 25.63 -0.77 19.71
C SER A 115 25.86 0.34 20.71
N PHE A 116 24.76 1.05 21.04
CA PHE A 116 24.77 2.17 21.98
C PHE A 116 25.47 1.82 23.30
N ALA A 117 25.06 0.71 23.91
CA ALA A 117 25.64 0.29 25.17
C ALA A 117 27.15 -0.01 25.00
N LYS A 118 27.48 -0.63 23.87
CA LYS A 118 28.87 -0.98 23.54
C LYS A 118 29.88 0.15 23.55
N VAL A 119 29.63 1.24 22.83
CA VAL A 119 30.61 2.31 22.80
C VAL A 119 30.74 3.04 24.15
N ILE A 120 29.72 2.90 25.00
CA ILE A 120 29.73 3.53 26.31
C ILE A 120 30.76 2.83 27.20
N SER A 121 31.84 3.55 27.52
CA SER A 121 32.94 3.03 28.33
C SER A 121 32.55 2.40 29.67
N TYR A 122 31.61 3.02 30.39
CA TYR A 122 31.18 2.49 31.69
C TYR A 122 30.48 1.14 31.53
N PHE A 123 29.93 0.89 30.34
CA PHE A 123 29.23 -0.35 30.08
C PHE A 123 30.22 -1.49 29.77
N ARG A 124 31.21 -1.18 28.93
CA ARG A 124 32.23 -2.15 28.54
C ARG A 124 33.03 -2.70 29.71
N ASP A 125 33.32 -1.84 30.69
CA ASP A 125 34.09 -2.25 31.84
C ASP A 125 33.32 -3.12 32.84
N LEU A 126 32.20 -3.68 32.40
CA LEU A 126 31.41 -4.55 33.27
C LEU A 126 31.55 -6.00 32.79
N PRO A 127 31.35 -6.97 33.69
CA PRO A 127 31.44 -8.39 33.35
C PRO A 127 30.37 -8.74 32.31
N ILE A 128 30.79 -9.28 31.18
CA ILE A 128 29.87 -9.64 30.09
C ILE A 128 28.52 -10.16 30.59
N GLU A 129 28.53 -10.94 31.67
CA GLU A 129 27.29 -11.48 32.21
C GLU A 129 26.37 -10.31 32.51
N ASP A 130 26.90 -9.32 33.22
CA ASP A 130 26.14 -8.13 33.55
C ASP A 130 25.75 -7.37 32.28
N GLN A 131 26.73 -7.05 31.46
CA GLN A 131 26.47 -6.35 30.21
C GLN A 131 25.27 -6.96 29.49
N ILE A 132 25.09 -8.27 29.63
CA ILE A 132 23.98 -8.96 29.00
C ILE A 132 22.71 -8.79 29.81
N SER A 133 22.82 -8.94 31.13
CA SER A 133 21.68 -8.76 32.01
C SER A 133 21.05 -7.39 31.79
N LEU A 134 21.90 -6.37 31.72
CA LEU A 134 21.44 -5.00 31.50
C LEU A 134 20.77 -4.87 30.12
N LEU A 135 21.46 -5.26 29.05
CA LEU A 135 20.85 -5.16 27.73
C LEU A 135 19.55 -5.94 27.72
N LYS A 136 19.57 -7.13 28.31
CA LYS A 136 18.37 -7.94 28.33
C LYS A 136 17.23 -7.18 29.00
N GLY A 137 17.51 -6.59 30.16
CA GLY A 137 16.46 -5.89 30.90
C GLY A 137 16.17 -4.44 30.53
N ALA A 138 16.87 -3.87 29.54
CA ALA A 138 16.62 -2.48 29.19
C ALA A 138 16.33 -2.17 27.72
N ALA A 139 16.60 -3.11 26.82
CA ALA A 139 16.38 -2.85 25.39
C ALA A 139 15.04 -2.15 25.11
N PHE A 140 13.94 -2.85 25.33
CA PHE A 140 12.60 -2.29 25.11
C PHE A 140 12.53 -0.83 25.61
N GLU A 141 12.93 -0.63 26.87
CA GLU A 141 12.94 0.70 27.47
C GLU A 141 13.71 1.71 26.64
N LEU A 142 14.98 1.41 26.34
CA LEU A 142 15.83 2.29 25.54
C LEU A 142 15.19 2.48 24.16
N SER A 143 14.52 1.44 23.67
CA SER A 143 13.87 1.53 22.36
C SER A 143 12.70 2.52 22.43
N GLN A 144 11.95 2.49 23.53
CA GLN A 144 10.82 3.39 23.68
C GLN A 144 11.30 4.84 23.79
N LEU A 145 12.41 5.03 24.49
CA LEU A 145 12.97 6.36 24.65
C LEU A 145 13.42 6.93 23.31
N ARG A 146 14.00 6.08 22.44
CA ARG A 146 14.42 6.57 21.13
C ARG A 146 13.22 6.89 20.26
N PHE A 147 12.21 6.00 20.27
CA PHE A 147 11.01 6.22 19.47
C PHE A 147 10.29 7.50 19.86
N ASN A 148 10.31 7.82 21.15
CA ASN A 148 9.65 9.01 21.65
C ASN A 148 10.21 10.24 20.94
N THR A 149 11.51 10.25 20.67
CA THR A 149 12.11 11.40 20.00
C THR A 149 11.55 11.63 18.60
N VAL A 150 11.00 10.59 17.98
CA VAL A 150 10.44 10.74 16.64
C VAL A 150 8.92 10.65 16.67
N PHE A 151 8.33 10.76 17.87
CA PHE A 151 6.88 10.73 17.99
C PHE A 151 6.29 12.12 17.88
N ASN A 152 5.28 12.25 17.02
CA ASN A 152 4.57 13.51 16.84
C ASN A 152 3.26 13.34 17.60
N ALA A 153 3.20 13.87 18.82
CA ALA A 153 1.99 13.73 19.63
C ALA A 153 0.80 14.49 19.01
N GLU A 154 1.10 15.48 18.18
CA GLU A 154 0.05 16.26 17.55
C GLU A 154 -0.77 15.41 16.58
N THR A 155 -0.10 14.45 15.94
CA THR A 155 -0.74 13.59 14.95
C THR A 155 -0.74 12.11 15.34
N GLY A 156 -0.32 11.84 16.57
CA GLY A 156 -0.27 10.45 17.04
C GLY A 156 0.45 9.56 16.04
N THR A 157 1.61 9.99 15.57
CA THR A 157 2.31 9.17 14.59
C THR A 157 3.80 9.16 14.79
N TRP A 158 4.38 7.97 14.66
CA TRP A 158 5.80 7.82 14.79
C TRP A 158 6.43 8.04 13.43
N GLU A 159 7.07 9.20 13.27
CA GLU A 159 7.68 9.54 11.99
C GLU A 159 9.10 8.98 11.90
N CYS A 160 9.24 7.90 11.14
CA CYS A 160 10.52 7.20 11.00
C CYS A 160 11.15 7.25 9.60
N GLY A 161 11.55 8.44 9.18
CA GLY A 161 12.15 8.57 7.86
C GLY A 161 11.05 8.40 6.85
N ARG A 162 11.28 7.67 5.78
CA ARG A 162 10.25 7.48 4.76
C ARG A 162 9.00 6.73 5.24
N LEU A 163 9.12 5.89 6.25
CA LEU A 163 7.94 5.19 6.74
C LEU A 163 7.44 5.79 8.04
N SER A 164 6.11 5.88 8.19
CA SER A 164 5.54 6.43 9.40
C SER A 164 4.41 5.55 9.94
N TYR A 165 4.26 5.49 11.26
CA TYR A 165 3.22 4.69 11.86
C TYR A 165 2.21 5.62 12.50
N CYS A 166 0.95 5.47 12.09
CA CYS A 166 -0.09 6.32 12.63
C CYS A 166 -1.05 5.54 13.52
N LEU A 167 -1.56 6.19 14.56
CA LEU A 167 -2.48 5.58 15.51
C LEU A 167 -3.90 5.56 14.95
N GLU A 168 -4.61 4.45 15.16
CA GLU A 168 -5.98 4.30 14.69
C GLU A 168 -6.95 4.70 15.79
N ASP A 169 -7.75 5.73 15.54
CA ASP A 169 -8.72 6.19 16.53
C ASP A 169 -9.63 5.02 16.92
N THR A 170 -10.03 4.95 18.18
CA THR A 170 -10.91 3.86 18.64
C THR A 170 -11.82 4.27 19.79
N ALA A 171 -12.61 3.31 20.27
CA ALA A 171 -13.55 3.52 21.37
C ALA A 171 -13.05 4.53 22.39
N GLY A 172 -13.96 5.34 22.92
CA GLY A 172 -13.61 6.35 23.91
C GLY A 172 -12.69 7.45 23.41
N GLY A 173 -11.89 7.14 22.39
CA GLY A 173 -10.98 8.12 21.82
C GLY A 173 -9.82 8.42 22.75
N PHE A 174 -9.42 9.69 22.78
CA PHE A 174 -8.32 10.16 23.62
C PHE A 174 -8.29 9.56 25.02
N GLN A 175 -9.24 9.94 25.86
CA GLN A 175 -9.30 9.45 27.22
C GLN A 175 -9.26 7.92 27.31
N GLN A 176 -9.56 7.25 26.21
CA GLN A 176 -9.56 5.80 26.18
C GLN A 176 -8.15 5.29 25.87
N LEU A 177 -7.53 5.85 24.84
CA LEU A 177 -6.18 5.47 24.46
C LEU A 177 -5.28 5.59 25.69
N LEU A 178 -5.42 6.71 26.40
CA LEU A 178 -4.64 6.95 27.59
C LEU A 178 -4.76 5.82 28.60
N LEU A 179 -5.73 4.94 28.41
CA LEU A 179 -5.86 3.81 29.34
C LEU A 179 -4.78 2.80 29.01
N GLU A 180 -4.13 3.01 27.87
CA GLU A 180 -3.03 2.17 27.39
C GLU A 180 -1.73 2.81 27.87
N PRO A 181 -1.11 2.24 28.92
CA PRO A 181 0.14 2.74 29.50
C PRO A 181 1.14 3.18 28.45
N MET A 182 1.42 2.28 27.51
CA MET A 182 2.36 2.57 26.43
C MET A 182 2.02 3.88 25.72
N LEU A 183 0.75 4.04 25.38
CA LEU A 183 0.30 5.24 24.71
C LEU A 183 0.42 6.47 25.62
N LYS A 184 0.03 6.31 26.88
CA LYS A 184 0.10 7.41 27.82
C LYS A 184 1.56 7.82 28.03
N PHE A 185 2.43 6.82 28.12
CA PHE A 185 3.85 7.07 28.33
C PHE A 185 4.43 8.00 27.26
N HIS A 186 4.16 7.72 25.99
CA HIS A 186 4.67 8.56 24.90
C HIS A 186 4.15 10.00 24.97
N TYR A 187 2.86 10.16 25.26
CA TYR A 187 2.24 11.50 25.33
C TYR A 187 2.69 12.34 26.52
N MET A 188 2.90 11.70 27.67
CA MET A 188 3.35 12.44 28.84
C MET A 188 4.83 12.75 28.67
N LEU A 189 5.61 11.77 28.24
CA LEU A 189 7.04 12.01 28.07
C LEU A 189 7.23 13.15 27.08
N LYS A 190 6.49 13.10 25.98
CA LYS A 190 6.58 14.12 24.96
C LYS A 190 6.28 15.50 25.52
N LYS A 191 5.26 15.56 26.38
CA LYS A 191 4.84 16.81 27.01
C LYS A 191 5.98 17.52 27.73
N LEU A 192 6.96 16.77 28.19
CA LEU A 192 8.08 17.35 28.90
C LEU A 192 9.10 18.03 27.98
N GLN A 193 8.80 18.06 26.69
CA GLN A 193 9.69 18.69 25.70
C GLN A 193 11.18 18.61 26.11
N LEU A 194 11.73 17.40 26.20
CA LEU A 194 13.10 17.20 26.62
C LEU A 194 14.20 17.37 25.57
N HIS A 195 15.41 17.68 26.05
CA HIS A 195 16.58 17.86 25.19
C HIS A 195 17.22 16.52 24.84
N GLU A 196 18.04 16.53 23.81
CA GLU A 196 18.71 15.30 23.41
C GLU A 196 19.51 14.81 24.62
N GLU A 197 20.17 15.75 25.30
CA GLU A 197 20.97 15.44 26.49
C GLU A 197 20.18 14.71 27.58
N GLU A 198 18.96 15.20 27.86
CA GLU A 198 18.13 14.56 28.88
C GLU A 198 17.56 13.23 28.41
N TYR A 199 17.36 13.08 27.11
CA TYR A 199 16.86 11.80 26.60
C TYR A 199 17.96 10.75 26.74
N VAL A 200 19.19 11.14 26.39
CA VAL A 200 20.32 10.21 26.43
C VAL A 200 20.69 9.87 27.86
N LEU A 201 20.43 10.80 28.78
CA LEU A 201 20.73 10.54 30.18
C LEU A 201 19.67 9.55 30.65
N MET A 202 18.45 9.72 30.18
CA MET A 202 17.37 8.81 30.54
C MET A 202 17.74 7.40 30.12
N GLN A 203 18.27 7.26 28.92
CA GLN A 203 18.68 5.95 28.42
C GLN A 203 19.75 5.33 29.30
N ALA A 204 20.78 6.13 29.63
CA ALA A 204 21.86 5.64 30.48
C ALA A 204 21.31 5.16 31.82
N ILE A 205 20.57 6.03 32.50
CA ILE A 205 20.00 5.68 33.79
C ILE A 205 19.23 4.38 33.71
N SER A 206 18.53 4.18 32.60
CA SER A 206 17.74 2.97 32.40
C SER A 206 18.63 1.76 32.12
N LEU A 207 19.69 1.99 31.35
CA LEU A 207 20.61 0.94 31.00
C LEU A 207 21.28 0.41 32.25
N PHE A 208 21.74 1.32 33.10
CA PHE A 208 22.40 0.91 34.31
C PHE A 208 21.51 0.70 35.53
N SER A 209 20.45 -0.10 35.36
CA SER A 209 19.55 -0.40 36.47
C SER A 209 20.14 -1.52 37.31
N PRO A 210 20.64 -1.19 38.50
CA PRO A 210 21.25 -2.17 39.40
C PRO A 210 20.30 -3.22 39.94
N ASP A 211 19.06 -3.19 39.49
CA ASP A 211 18.09 -4.14 40.00
C ASP A 211 17.50 -5.10 38.97
N ARG A 212 18.16 -5.23 37.83
CA ARG A 212 17.66 -6.14 36.81
C ARG A 212 18.05 -7.56 37.19
N PRO A 213 17.20 -8.55 36.85
CA PRO A 213 17.52 -9.94 37.19
C PRO A 213 18.84 -10.38 36.56
N GLY A 214 19.62 -11.20 37.29
CA GLY A 214 20.88 -11.67 36.76
C GLY A 214 22.05 -10.74 36.96
N VAL A 215 21.79 -9.49 37.30
CA VAL A 215 22.87 -8.53 37.51
C VAL A 215 23.76 -8.95 38.67
N LEU A 216 25.06 -9.06 38.39
CA LEU A 216 26.03 -9.47 39.40
C LEU A 216 26.58 -8.33 40.24
N GLN A 217 27.25 -7.38 39.61
CA GLN A 217 27.82 -6.26 40.34
C GLN A 217 26.83 -5.14 40.69
N HIS A 218 25.86 -5.47 41.54
CA HIS A 218 24.84 -4.52 41.96
C HIS A 218 25.37 -3.18 42.51
N ARG A 219 26.35 -3.25 43.40
CA ARG A 219 26.93 -2.05 43.99
C ARG A 219 27.61 -1.11 43.00
N VAL A 220 28.28 -1.66 42.00
CA VAL A 220 28.96 -0.83 41.00
C VAL A 220 27.96 -0.14 40.07
N VAL A 221 27.07 -0.93 39.48
CA VAL A 221 26.06 -0.38 38.59
C VAL A 221 25.30 0.74 39.30
N ASP A 222 24.87 0.47 40.53
CA ASP A 222 24.13 1.44 41.33
C ASP A 222 24.96 2.70 41.46
N GLN A 223 26.26 2.55 41.60
CA GLN A 223 27.13 3.72 41.75
C GLN A 223 27.05 4.48 40.43
N LEU A 224 27.03 3.73 39.33
CA LEU A 224 26.95 4.34 38.01
C LEU A 224 25.60 5.03 37.73
N GLN A 225 24.49 4.38 38.10
CA GLN A 225 23.20 4.99 37.86
C GLN A 225 23.10 6.31 38.60
N GLU A 226 23.61 6.32 39.83
CA GLU A 226 23.56 7.54 40.64
C GLU A 226 24.38 8.63 39.96
N GLN A 227 25.52 8.24 39.39
CA GLN A 227 26.39 9.19 38.70
C GLN A 227 25.64 9.88 37.57
N PHE A 228 24.85 9.11 36.83
CA PHE A 228 24.09 9.65 35.71
C PHE A 228 22.91 10.46 36.20
N ALA A 229 22.19 9.90 37.16
CA ALA A 229 21.04 10.60 37.74
C ALA A 229 21.48 11.99 38.22
N ILE A 230 22.65 12.03 38.84
CA ILE A 230 23.20 13.27 39.35
C ILE A 230 23.56 14.23 38.21
N THR A 231 24.11 13.71 37.12
CA THR A 231 24.45 14.57 36.01
C THR A 231 23.16 15.17 35.44
N LEU A 232 22.13 14.36 35.26
CA LEU A 232 20.86 14.86 34.74
C LEU A 232 20.32 16.00 35.62
N LYS A 233 20.31 15.77 36.93
CA LYS A 233 19.83 16.75 37.90
C LYS A 233 20.58 18.08 37.80
N SER A 234 21.91 18.02 37.72
CA SER A 234 22.72 19.23 37.58
C SER A 234 22.43 19.88 36.24
N TYR A 235 22.47 19.08 35.18
CA TYR A 235 22.21 19.61 33.84
C TYR A 235 20.95 20.45 33.83
N ILE A 236 19.87 19.90 34.40
CA ILE A 236 18.60 20.62 34.45
C ILE A 236 18.72 21.95 35.22
N GLU A 237 19.53 21.96 36.28
CA GLU A 237 19.72 23.17 37.08
C GLU A 237 20.54 24.21 36.31
N CYS A 238 21.62 23.76 35.69
CA CYS A 238 22.50 24.64 34.93
C CYS A 238 21.88 25.15 33.65
N ASN A 239 20.85 24.48 33.14
CA ASN A 239 20.24 24.87 31.86
C ASN A 239 18.76 25.28 31.87
N ARG A 240 18.07 25.04 32.98
CA ARG A 240 16.65 25.38 33.08
C ARG A 240 16.34 25.82 34.52
N PRO A 241 16.78 27.03 34.89
CA PRO A 241 16.53 27.52 36.25
C PRO A 241 15.11 28.02 36.45
N GLN A 242 14.41 28.22 35.35
CA GLN A 242 13.04 28.72 35.38
C GLN A 242 12.27 27.97 36.46
N PRO A 243 11.80 28.71 37.49
CA PRO A 243 11.04 28.06 38.57
C PRO A 243 10.00 27.08 38.01
N ALA A 244 9.72 27.24 36.72
CA ALA A 244 8.77 26.37 36.05
C ALA A 244 9.34 24.96 35.93
N HIS A 245 10.66 24.90 35.73
CA HIS A 245 11.40 23.64 35.58
C HIS A 245 11.87 23.03 36.89
N ARG A 246 11.27 23.48 37.97
CA ARG A 246 11.57 22.93 39.28
C ARG A 246 10.83 21.60 39.21
N PHE A 247 11.41 20.53 39.73
CA PHE A 247 10.73 19.23 39.68
C PHE A 247 10.83 18.47 38.35
N LEU A 248 11.42 19.09 37.32
CA LEU A 248 11.56 18.43 36.03
C LEU A 248 12.31 17.11 36.20
N PHE A 249 13.39 17.16 36.98
CA PHE A 249 14.19 15.98 37.23
C PHE A 249 13.29 14.91 37.85
N LEU A 250 12.48 15.29 38.83
CA LEU A 250 11.59 14.33 39.48
C LEU A 250 10.54 13.76 38.53
N LYS A 251 10.01 14.58 37.63
CA LYS A 251 9.02 14.11 36.68
C LYS A 251 9.64 13.03 35.79
N ILE A 252 10.91 13.25 35.39
CA ILE A 252 11.60 12.31 34.55
C ILE A 252 11.83 11.00 35.28
N MET A 253 12.29 11.07 36.53
CA MET A 253 12.52 9.84 37.27
C MET A 253 11.18 9.11 37.43
N ALA A 254 10.12 9.87 37.61
CA ALA A 254 8.81 9.26 37.76
C ALA A 254 8.53 8.49 36.46
N MET A 255 8.86 9.10 35.32
CA MET A 255 8.66 8.49 34.02
C MET A 255 9.46 7.19 33.85
N LEU A 256 10.74 7.22 34.20
CA LEU A 256 11.57 6.03 34.07
C LEU A 256 10.95 4.88 34.86
N THR A 257 10.43 5.20 36.03
CA THR A 257 9.80 4.18 36.87
C THR A 257 8.55 3.61 36.21
N GLU A 258 7.76 4.47 35.61
CA GLU A 258 6.54 4.03 34.93
C GLU A 258 6.96 3.15 33.74
N LEU A 259 8.00 3.56 33.03
CA LEU A 259 8.49 2.81 31.87
C LEU A 259 8.92 1.40 32.25
N ARG A 260 9.55 1.27 33.42
CA ARG A 260 10.03 -0.02 33.87
C ARG A 260 8.83 -0.93 34.12
N SER A 261 7.73 -0.32 34.54
CA SER A 261 6.50 -1.07 34.81
C SER A 261 5.80 -1.50 33.52
N ILE A 262 5.83 -0.62 32.50
CA ILE A 262 5.23 -0.91 31.22
C ILE A 262 6.01 -2.01 30.48
N ASN A 263 7.31 -2.04 30.74
CA ASN A 263 8.23 -2.99 30.12
C ASN A 263 8.00 -4.41 30.63
N ALA A 264 7.70 -4.52 31.91
CA ALA A 264 7.42 -5.83 32.51
C ALA A 264 6.15 -6.41 31.92
N GLN A 265 5.13 -5.58 31.74
CA GLN A 265 3.87 -6.03 31.19
C GLN A 265 4.00 -6.33 29.68
N HIS A 266 4.67 -5.44 28.96
CA HIS A 266 4.85 -5.63 27.54
C HIS A 266 5.50 -6.96 27.21
N THR A 267 6.41 -7.40 28.07
CA THR A 267 7.06 -8.69 27.86
C THR A 267 5.99 -9.76 28.00
N GLN A 268 5.23 -9.71 29.08
CA GLN A 268 4.19 -10.69 29.27
C GLN A 268 3.20 -10.57 28.11
N ARG A 269 2.94 -9.34 27.69
CA ARG A 269 2.02 -9.12 26.58
C ARG A 269 2.54 -9.83 25.32
N LEU A 270 3.83 -9.63 25.02
CA LEU A 270 4.40 -10.22 23.83
C LEU A 270 4.44 -11.74 23.90
N LEU A 271 4.69 -12.31 25.07
CA LEU A 271 4.73 -13.75 25.18
C LEU A 271 3.37 -14.33 24.81
N ARG A 272 2.30 -13.78 25.40
CA ARG A 272 0.96 -14.26 25.11
C ARG A 272 0.76 -14.30 23.59
N ILE A 273 1.21 -13.25 22.91
CA ILE A 273 1.10 -13.18 21.47
C ILE A 273 1.96 -14.25 20.80
N GLN A 274 3.23 -14.28 21.18
CA GLN A 274 4.18 -15.24 20.63
C GLN A 274 3.63 -16.65 20.79
N ASP A 275 2.92 -16.86 21.90
CA ASP A 275 2.32 -18.16 22.23
C ASP A 275 1.27 -18.54 21.18
N ILE A 276 0.35 -17.65 20.92
CA ILE A 276 -0.70 -17.89 19.94
C ILE A 276 -0.19 -17.83 18.51
N HIS A 277 0.47 -16.72 18.15
CA HIS A 277 0.99 -16.51 16.80
C HIS A 277 2.49 -16.17 16.84
N PRO A 278 3.36 -17.19 16.87
CA PRO A 278 4.81 -16.96 16.92
C PRO A 278 5.26 -15.98 15.83
N PHE A 279 6.16 -15.07 16.17
CA PHE A 279 6.60 -14.07 15.19
C PHE A 279 7.94 -13.45 15.53
N ALA A 280 8.27 -13.40 16.82
CA ALA A 280 9.52 -12.81 17.25
C ALA A 280 10.70 -13.28 16.40
N THR A 281 11.72 -12.43 16.28
CA THR A 281 12.90 -12.79 15.51
C THR A 281 13.86 -13.49 16.48
N PRO A 282 14.94 -14.07 15.94
CA PRO A 282 15.92 -14.75 16.81
C PRO A 282 16.32 -13.82 17.95
N LEU A 283 16.86 -12.66 17.57
CA LEU A 283 17.31 -11.66 18.54
C LEU A 283 16.22 -11.27 19.58
N MET A 284 14.99 -11.05 19.11
CA MET A 284 13.91 -10.72 20.04
C MET A 284 13.78 -11.86 21.04
N GLN A 285 13.81 -13.10 20.55
CA GLN A 285 13.72 -14.27 21.41
C GLN A 285 14.75 -14.21 22.55
N GLU A 286 16.01 -13.92 22.22
CA GLU A 286 17.03 -13.81 23.25
C GLU A 286 16.63 -12.74 24.25
N LEU A 287 16.30 -11.55 23.73
CA LEU A 287 15.95 -10.43 24.57
C LEU A 287 14.72 -10.62 25.46
N PHE A 288 13.74 -11.37 24.96
CA PHE A 288 12.53 -11.58 25.75
C PHE A 288 12.50 -12.94 26.41
N GLY A 289 13.55 -13.72 26.20
CA GLY A 289 13.62 -15.05 26.77
C GLY A 289 12.51 -15.94 26.24
N ILE A 290 12.17 -15.76 24.97
CA ILE A 290 11.12 -16.56 24.37
C ILE A 290 11.50 -18.03 24.37
N THR A 291 10.96 -18.69 25.40
CA THR A 291 11.09 -20.12 25.71
C THR A 291 11.84 -21.04 24.73
N GLY A 292 11.56 -20.93 23.44
CA GLY A 292 12.24 -21.79 22.49
C GLY A 292 12.45 -21.15 21.13
N GLY B 1 -43.49 -7.74 -28.95
CA GLY B 1 -42.80 -6.49 -29.26
C GLY B 1 -41.44 -6.72 -29.91
N LEU B 2 -40.83 -7.84 -29.56
CA LEU B 2 -39.52 -8.21 -30.08
C LEU B 2 -39.65 -9.57 -30.75
N THR B 3 -39.13 -9.69 -31.97
CA THR B 3 -39.20 -10.96 -32.69
C THR B 3 -38.42 -12.04 -31.96
N GLU B 4 -38.93 -13.27 -31.98
CA GLU B 4 -38.25 -14.37 -31.31
C GLU B 4 -36.79 -14.43 -31.75
N GLU B 5 -36.49 -13.90 -32.93
CA GLU B 5 -35.12 -13.91 -33.41
C GLU B 5 -34.28 -13.00 -32.52
N GLN B 6 -34.73 -11.75 -32.40
CA GLN B 6 -34.04 -10.76 -31.61
C GLN B 6 -33.90 -11.16 -30.15
N ARG B 7 -34.97 -11.74 -29.60
CA ARG B 7 -34.95 -12.18 -28.21
C ARG B 7 -33.81 -13.16 -27.99
N MET B 8 -33.56 -14.03 -28.96
CA MET B 8 -32.49 -15.01 -28.84
C MET B 8 -31.13 -14.34 -29.04
N MET B 9 -31.10 -13.31 -29.87
CA MET B 9 -29.87 -12.59 -30.12
C MET B 9 -29.45 -11.95 -28.81
N ILE B 10 -30.36 -11.16 -28.24
CA ILE B 10 -30.11 -10.50 -26.97
C ILE B 10 -29.72 -11.49 -25.88
N ARG B 11 -30.30 -12.67 -25.93
CA ARG B 11 -30.01 -13.70 -24.93
C ARG B 11 -28.67 -14.38 -25.13
N GLU B 12 -28.34 -14.71 -26.37
CA GLU B 12 -27.07 -15.38 -26.63
C GLU B 12 -25.89 -14.50 -26.25
N LEU B 13 -26.03 -13.18 -26.45
CA LEU B 13 -24.95 -12.25 -26.13
C LEU B 13 -24.90 -12.00 -24.63
N MET B 14 -26.08 -11.89 -24.03
CA MET B 14 -26.20 -11.67 -22.61
C MET B 14 -25.51 -12.85 -21.90
N ASP B 15 -25.74 -14.04 -22.44
CA ASP B 15 -25.16 -15.24 -21.89
C ASP B 15 -23.63 -15.17 -22.01
N ALA B 16 -23.17 -14.75 -23.18
CA ALA B 16 -21.75 -14.64 -23.48
C ALA B 16 -21.07 -13.69 -22.50
N GLN B 17 -21.74 -12.58 -22.20
CA GLN B 17 -21.22 -11.57 -21.31
C GLN B 17 -21.00 -12.10 -19.89
N MET B 18 -21.98 -12.80 -19.35
CA MET B 18 -21.84 -13.32 -17.99
C MET B 18 -20.74 -14.35 -17.94
N LYS B 19 -20.61 -15.13 -19.01
CA LYS B 19 -19.59 -16.18 -19.05
C LYS B 19 -18.18 -15.67 -19.24
N THR B 20 -18.02 -14.49 -19.81
CA THR B 20 -16.67 -14.00 -20.06
C THR B 20 -16.29 -12.68 -19.39
N PHE B 21 -17.22 -12.11 -18.63
CA PHE B 21 -16.95 -10.86 -17.97
C PHE B 21 -16.97 -11.03 -16.45
N ASP B 22 -15.78 -11.10 -15.84
CA ASP B 22 -15.69 -11.26 -14.39
C ASP B 22 -15.80 -9.88 -13.76
N THR B 23 -17.04 -9.44 -13.51
CA THR B 23 -17.29 -8.13 -12.91
C THR B 23 -16.67 -7.98 -11.53
N THR B 24 -16.35 -9.11 -10.89
CA THR B 24 -15.75 -9.08 -9.56
C THR B 24 -14.20 -9.09 -9.66
N PHE B 25 -13.67 -9.35 -10.84
CA PHE B 25 -12.23 -9.36 -11.04
C PHE B 25 -11.58 -10.36 -10.11
N SER B 26 -12.40 -11.22 -9.53
CA SER B 26 -11.90 -12.24 -8.60
C SER B 26 -10.75 -13.10 -9.16
N HIS B 27 -10.77 -13.36 -10.45
CA HIS B 27 -9.73 -14.19 -11.07
C HIS B 27 -8.56 -13.41 -11.67
N PHE B 28 -8.42 -12.16 -11.25
CA PHE B 28 -7.35 -11.31 -11.74
C PHE B 28 -6.29 -11.20 -10.66
N LYS B 29 -5.23 -12.00 -10.79
CA LYS B 29 -4.16 -12.02 -9.78
C LYS B 29 -2.74 -12.22 -10.32
N ASN B 30 -1.76 -12.10 -9.43
CA ASN B 30 -0.35 -12.25 -9.79
C ASN B 30 0.12 -11.12 -10.68
N PHE B 31 -0.48 -9.95 -10.49
CA PHE B 31 -0.13 -8.77 -11.27
C PHE B 31 0.93 -7.90 -10.60
N ARG B 32 1.63 -7.12 -11.40
CA ARG B 32 2.67 -6.23 -10.91
C ARG B 32 2.05 -4.99 -10.27
N LEU B 33 2.76 -4.40 -9.31
CA LEU B 33 2.29 -3.20 -8.62
C LEU B 33 3.43 -2.20 -8.59
N PRO B 34 3.14 -0.92 -8.32
CA PRO B 34 4.23 0.06 -8.27
C PRO B 34 5.14 -0.42 -7.15
N GLY B 35 6.41 -0.02 -7.16
CA GLY B 35 7.32 -0.46 -6.12
C GLY B 35 7.12 0.25 -4.78
N VAL B 36 7.72 -0.32 -3.74
CA VAL B 36 7.66 0.28 -2.41
C VAL B 36 9.01 0.98 -2.26
N LEU B 37 8.98 2.28 -1.97
CA LEU B 37 10.20 3.06 -1.82
C LEU B 37 10.94 3.15 -3.16
N SER B 51 20.22 15.50 -26.08
CA SER B 51 19.28 15.89 -25.04
C SER B 51 18.00 16.51 -25.61
N ARG B 52 18.14 17.41 -26.57
CA ARG B 52 16.98 18.05 -27.18
C ARG B 52 16.24 17.11 -28.11
N GLU B 53 16.84 16.86 -29.28
CA GLU B 53 16.25 16.00 -30.30
C GLU B 53 14.94 15.30 -29.96
N GLU B 54 14.97 14.47 -28.93
CA GLU B 54 13.80 13.72 -28.47
C GLU B 54 13.21 14.36 -27.21
N ALA B 55 13.05 15.68 -27.22
CA ALA B 55 12.53 16.41 -26.07
C ALA B 55 11.07 16.80 -26.20
N ALA B 56 10.56 16.78 -27.42
CA ALA B 56 9.16 17.14 -27.66
C ALA B 56 8.34 15.88 -27.46
N LYS B 57 8.97 14.74 -27.69
CA LYS B 57 8.33 13.44 -27.51
C LYS B 57 7.96 13.30 -26.04
N TRP B 58 8.88 13.70 -25.17
CA TRP B 58 8.66 13.63 -23.75
C TRP B 58 7.50 14.52 -23.32
N SER B 59 7.55 15.78 -23.70
CA SER B 59 6.50 16.73 -23.36
C SER B 59 5.10 16.19 -23.72
N GLN B 60 5.02 15.51 -24.86
CA GLN B 60 3.76 14.94 -25.33
C GLN B 60 3.31 13.74 -24.49
N VAL B 61 4.21 12.77 -24.33
CA VAL B 61 3.92 11.58 -23.54
C VAL B 61 3.46 12.00 -22.14
N ARG B 62 4.08 13.06 -21.64
CA ARG B 62 3.78 13.60 -20.34
C ARG B 62 2.37 14.17 -20.40
N LYS B 63 2.02 14.74 -21.54
CA LYS B 63 0.70 15.33 -21.75
C LYS B 63 -0.39 14.25 -21.81
N ASP B 64 0.00 13.05 -22.23
CA ASP B 64 -0.93 11.93 -22.33
C ASP B 64 -1.33 11.33 -20.99
N LEU B 65 -0.34 10.88 -20.23
CA LEU B 65 -0.56 10.25 -18.94
C LEU B 65 -1.14 11.15 -17.85
N CYS B 66 -0.87 12.44 -17.95
CA CYS B 66 -1.33 13.40 -16.94
C CYS B 66 -2.80 13.29 -16.54
N SER B 67 -3.68 13.39 -17.53
CA SER B 67 -5.13 13.35 -17.31
C SER B 67 -5.68 11.98 -16.92
N LEU B 68 -4.89 10.94 -17.09
CA LEU B 68 -5.32 9.59 -16.77
C LEU B 68 -4.65 9.09 -15.50
N LYS B 69 -4.19 10.01 -14.68
CA LYS B 69 -3.51 9.63 -13.45
C LYS B 69 -4.53 9.11 -12.45
N VAL B 70 -4.19 8.01 -11.78
CA VAL B 70 -5.10 7.42 -10.79
C VAL B 70 -4.39 6.89 -9.55
N SER B 71 -5.14 6.78 -8.45
CA SER B 71 -4.60 6.20 -7.23
C SER B 71 -5.12 4.77 -7.23
N LEU B 72 -4.35 3.87 -6.65
CA LEU B 72 -4.72 2.46 -6.62
C LEU B 72 -5.05 1.98 -5.21
N GLN B 73 -6.16 1.28 -5.08
CA GLN B 73 -6.55 0.75 -3.79
C GLN B 73 -6.83 -0.76 -3.86
N LEU B 74 -6.37 -1.50 -2.86
CA LEU B 74 -6.56 -2.94 -2.83
C LEU B 74 -7.14 -3.37 -1.49
N ARG B 75 -8.42 -3.72 -1.48
CA ARG B 75 -9.09 -4.13 -0.25
C ARG B 75 -8.95 -5.63 -0.06
N GLY B 76 -8.13 -6.03 0.91
CA GLY B 76 -7.92 -7.44 1.17
C GLY B 76 -9.15 -8.14 1.72
N GLU B 77 -9.19 -9.47 1.55
CA GLU B 77 -10.31 -10.27 2.02
C GLU B 77 -10.37 -10.21 3.54
N ASP B 78 -9.22 -9.99 4.16
CA ASP B 78 -9.13 -9.91 5.62
C ASP B 78 -9.65 -8.59 6.18
N GLY B 79 -9.83 -7.59 5.31
CA GLY B 79 -10.31 -6.30 5.76
C GLY B 79 -9.26 -5.19 5.71
N SER B 80 -8.05 -5.52 5.30
CA SER B 80 -6.98 -4.52 5.21
C SER B 80 -7.08 -3.79 3.88
N VAL B 81 -6.46 -2.61 3.80
CA VAL B 81 -6.49 -1.82 2.58
C VAL B 81 -5.13 -1.18 2.28
N TRP B 82 -4.60 -1.47 1.10
CA TRP B 82 -3.33 -0.92 0.64
C TRP B 82 -3.66 0.17 -0.38
N ASN B 83 -3.42 1.43 -0.04
CA ASN B 83 -3.67 2.52 -0.98
C ASN B 83 -2.35 2.89 -1.64
N TYR B 84 -2.43 3.42 -2.85
CA TYR B 84 -1.22 3.83 -3.57
C TYR B 84 -1.47 5.12 -4.32
N LYS B 85 -0.78 6.18 -3.92
CA LYS B 85 -0.93 7.47 -4.56
C LYS B 85 0.30 7.71 -5.43
N PRO B 86 0.11 8.10 -6.69
CA PRO B 86 1.24 8.36 -7.59
C PRO B 86 1.92 9.69 -7.25
N PRO B 87 3.11 9.93 -7.81
CA PRO B 87 3.83 11.18 -7.54
C PRO B 87 3.10 12.39 -8.12
N ALA B 88 3.88 13.42 -8.44
CA ALA B 88 3.38 14.64 -9.07
C ALA B 88 4.26 14.73 -10.32
N ASP B 89 3.86 15.50 -11.31
CA ASP B 89 4.67 15.58 -12.52
C ASP B 89 5.96 16.36 -12.24
N SER B 90 7.08 15.69 -12.48
CA SER B 90 8.41 16.28 -12.29
C SER B 90 9.47 15.20 -12.06
N GLY B 91 10.72 15.64 -11.91
CA GLY B 91 11.82 14.72 -11.69
C GLY B 91 12.18 13.93 -12.94
N GLY B 92 11.16 13.61 -13.72
CA GLY B 92 11.37 12.85 -14.94
C GLY B 92 10.38 11.71 -15.09
N LYS B 93 10.90 10.49 -15.22
CA LYS B 93 10.09 9.29 -15.41
C LYS B 93 9.14 8.94 -14.26
N GLU B 94 8.90 9.89 -13.37
CA GLU B 94 8.00 9.66 -12.24
C GLU B 94 6.54 9.52 -12.66
N ILE B 95 6.31 9.26 -13.93
CA ILE B 95 4.95 9.11 -14.43
C ILE B 95 4.71 7.81 -15.17
N PHE B 96 5.47 6.77 -14.83
CA PHE B 96 5.32 5.48 -15.49
C PHE B 96 5.19 4.36 -14.47
N SER B 97 5.26 4.70 -13.20
CA SER B 97 5.21 3.71 -12.13
C SER B 97 3.97 2.85 -12.03
N LEU B 98 3.00 3.05 -12.91
CA LEU B 98 1.77 2.27 -12.83
C LEU B 98 1.42 1.59 -14.14
N LEU B 99 2.26 1.76 -15.15
CA LEU B 99 2.05 1.17 -16.47
C LEU B 99 2.15 -0.37 -16.52
N PRO B 100 3.12 -0.96 -15.82
CA PRO B 100 3.20 -2.42 -15.87
C PRO B 100 1.96 -3.02 -15.25
N HIS B 101 1.33 -2.27 -14.34
CA HIS B 101 0.11 -2.76 -13.70
C HIS B 101 -1.06 -2.62 -14.67
N MET B 102 -1.13 -1.46 -15.32
CA MET B 102 -2.17 -1.17 -16.29
C MET B 102 -2.06 -2.21 -17.39
N ALA B 103 -0.84 -2.62 -17.67
CA ALA B 103 -0.57 -3.59 -18.72
C ALA B 103 -1.19 -4.95 -18.37
N ASP B 104 -1.02 -5.39 -17.12
CA ASP B 104 -1.56 -6.67 -16.68
C ASP B 104 -3.08 -6.61 -16.60
N MET B 105 -3.61 -5.44 -16.30
CA MET B 105 -5.05 -5.29 -16.23
C MET B 105 -5.59 -5.35 -17.67
N SER B 106 -5.01 -4.55 -18.55
CA SER B 106 -5.44 -4.53 -19.93
C SER B 106 -5.44 -5.93 -20.49
N THR B 107 -4.34 -6.65 -20.29
CA THR B 107 -4.21 -8.00 -20.79
C THR B 107 -5.29 -8.90 -20.24
N TYR B 108 -5.65 -8.69 -18.97
CA TYR B 108 -6.72 -9.50 -18.35
C TYR B 108 -8.03 -9.21 -19.07
N MET B 109 -8.40 -7.93 -19.15
CA MET B 109 -9.63 -7.55 -19.84
C MET B 109 -9.62 -8.07 -21.28
N PHE B 110 -8.49 -7.88 -21.97
CA PHE B 110 -8.38 -8.34 -23.34
C PHE B 110 -8.65 -9.84 -23.48
N LYS B 111 -8.19 -10.63 -22.52
CA LYS B 111 -8.41 -12.06 -22.60
C LYS B 111 -9.90 -12.35 -22.51
N GLY B 112 -10.60 -11.60 -21.66
CA GLY B 112 -12.03 -11.82 -21.50
C GLY B 112 -12.81 -11.42 -22.74
N ILE B 113 -12.42 -10.29 -23.34
CA ILE B 113 -13.06 -9.79 -24.56
C ILE B 113 -12.94 -10.83 -25.68
N ILE B 114 -11.81 -11.56 -25.71
CA ILE B 114 -11.61 -12.57 -26.73
C ILE B 114 -12.59 -13.70 -26.44
N SER B 115 -12.62 -14.11 -25.18
CA SER B 115 -13.56 -15.15 -24.77
C SER B 115 -14.97 -14.75 -25.21
N PHE B 116 -15.32 -13.49 -25.02
CA PHE B 116 -16.63 -13.00 -25.39
C PHE B 116 -16.88 -13.25 -26.87
N ALA B 117 -15.92 -12.83 -27.70
CA ALA B 117 -16.04 -13.01 -29.15
C ALA B 117 -16.19 -14.50 -29.44
N LYS B 118 -15.29 -15.27 -28.85
CA LYS B 118 -15.26 -16.71 -29.02
C LYS B 118 -16.56 -17.49 -28.77
N VAL B 119 -17.35 -17.09 -27.78
CA VAL B 119 -18.57 -17.83 -27.50
C VAL B 119 -19.77 -17.45 -28.37
N ILE B 120 -19.59 -16.46 -29.23
CA ILE B 120 -20.66 -16.04 -30.11
C ILE B 120 -20.57 -16.89 -31.38
N SER B 121 -21.69 -17.47 -31.79
CA SER B 121 -21.72 -18.31 -32.97
C SER B 121 -21.33 -17.54 -34.23
N TYR B 122 -21.93 -16.37 -34.44
CA TYR B 122 -21.63 -15.56 -35.62
C TYR B 122 -20.14 -15.24 -35.74
N PHE B 123 -19.45 -15.11 -34.60
CA PHE B 123 -18.03 -14.79 -34.64
C PHE B 123 -17.17 -16.00 -34.95
N ARG B 124 -17.42 -17.12 -34.28
CA ARG B 124 -16.63 -18.32 -34.50
C ARG B 124 -16.59 -18.79 -35.95
N ASP B 125 -17.71 -18.61 -36.66
CA ASP B 125 -17.76 -19.02 -38.06
C ASP B 125 -16.82 -18.26 -38.97
N LEU B 126 -16.48 -17.03 -38.59
CA LEU B 126 -15.59 -16.22 -39.40
C LEU B 126 -14.20 -16.86 -39.51
N PRO B 127 -13.42 -16.47 -40.54
CA PRO B 127 -12.08 -16.98 -40.81
C PRO B 127 -11.07 -16.52 -39.75
N ILE B 128 -10.28 -17.45 -39.22
CA ILE B 128 -9.29 -17.14 -38.20
C ILE B 128 -8.60 -15.81 -38.41
N GLU B 129 -8.56 -15.32 -39.65
CA GLU B 129 -7.93 -14.04 -39.95
C GLU B 129 -8.81 -12.88 -39.50
N ASP B 130 -9.97 -12.76 -40.14
CA ASP B 130 -10.90 -11.69 -39.82
C ASP B 130 -11.23 -11.69 -38.33
N GLN B 131 -11.09 -12.83 -37.66
CA GLN B 131 -11.34 -12.88 -36.24
C GLN B 131 -10.22 -12.09 -35.61
N ILE B 132 -9.00 -12.34 -36.07
CA ILE B 132 -7.84 -11.63 -35.58
C ILE B 132 -7.99 -10.16 -35.93
N SER B 133 -8.49 -9.90 -37.13
CA SER B 133 -8.67 -8.54 -37.62
C SER B 133 -9.69 -7.72 -36.82
N LEU B 134 -10.85 -8.31 -36.52
CA LEU B 134 -11.89 -7.62 -35.77
C LEU B 134 -11.49 -7.41 -34.33
N LEU B 135 -10.91 -8.44 -33.71
CA LEU B 135 -10.47 -8.31 -32.33
C LEU B 135 -9.39 -7.26 -32.24
N LYS B 136 -8.53 -7.24 -33.24
CA LYS B 136 -7.43 -6.30 -33.29
C LYS B 136 -7.93 -4.87 -33.50
N GLY B 137 -9.24 -4.73 -33.70
CA GLY B 137 -9.78 -3.40 -33.92
C GLY B 137 -10.80 -2.93 -32.89
N ALA B 138 -11.34 -3.85 -32.10
CA ALA B 138 -12.34 -3.49 -31.10
C ALA B 138 -11.88 -3.70 -29.66
N ALA B 139 -10.88 -4.55 -29.46
CA ALA B 139 -10.37 -4.84 -28.12
C ALA B 139 -10.49 -3.65 -27.18
N PHE B 140 -9.77 -2.58 -27.48
CA PHE B 140 -9.81 -1.38 -26.65
C PHE B 140 -11.25 -0.92 -26.41
N GLU B 141 -12.02 -0.80 -27.48
CA GLU B 141 -13.41 -0.35 -27.41
C GLU B 141 -14.28 -1.24 -26.53
N LEU B 142 -14.17 -2.55 -26.69
CA LEU B 142 -14.95 -3.47 -25.88
C LEU B 142 -14.56 -3.28 -24.41
N SER B 143 -13.28 -2.97 -24.18
CA SER B 143 -12.75 -2.76 -22.83
C SER B 143 -13.35 -1.51 -22.15
N GLN B 144 -13.46 -0.41 -22.90
CA GLN B 144 -14.02 0.78 -22.30
C GLN B 144 -15.49 0.53 -22.03
N LEU B 145 -16.15 -0.20 -22.94
CA LEU B 145 -17.56 -0.49 -22.75
C LEU B 145 -17.74 -1.26 -21.45
N ARG B 146 -16.88 -2.24 -21.21
CA ARG B 146 -16.99 -3.00 -19.98
C ARG B 146 -16.62 -2.19 -18.75
N PHE B 147 -15.53 -1.41 -18.85
CA PHE B 147 -15.11 -0.60 -17.69
C PHE B 147 -16.15 0.45 -17.34
N ASN B 148 -16.88 0.92 -18.34
CA ASN B 148 -17.89 1.92 -18.09
C ASN B 148 -18.95 1.37 -17.15
N THR B 149 -19.13 0.06 -17.16
CA THR B 149 -20.14 -0.54 -16.27
C THR B 149 -19.70 -0.64 -14.81
N VAL B 150 -18.41 -0.55 -14.53
CA VAL B 150 -17.96 -0.61 -13.14
C VAL B 150 -17.46 0.75 -12.64
N PHE B 151 -17.67 1.77 -13.45
CA PHE B 151 -17.23 3.13 -13.13
C PHE B 151 -18.27 3.95 -12.35
N ASN B 152 -17.80 4.51 -11.25
CA ASN B 152 -18.59 5.35 -10.38
C ASN B 152 -18.31 6.80 -10.82
N ALA B 153 -19.29 7.45 -11.45
CA ALA B 153 -19.11 8.80 -11.96
C ALA B 153 -19.16 9.82 -10.84
N GLU B 154 -19.81 9.43 -9.74
CA GLU B 154 -19.94 10.27 -8.56
C GLU B 154 -18.56 10.54 -7.94
N THR B 155 -17.80 9.46 -7.72
CA THR B 155 -16.47 9.53 -7.12
C THR B 155 -15.35 9.48 -8.17
N GLY B 156 -15.71 9.35 -9.44
CA GLY B 156 -14.71 9.28 -10.48
C GLY B 156 -13.78 8.09 -10.31
N THR B 157 -14.30 6.96 -9.86
CA THR B 157 -13.45 5.79 -9.68
C THR B 157 -14.06 4.52 -10.28
N TRP B 158 -13.18 3.62 -10.71
CA TRP B 158 -13.59 2.35 -11.28
C TRP B 158 -13.58 1.24 -10.23
N GLU B 159 -14.77 0.80 -9.81
CA GLU B 159 -14.91 -0.24 -8.80
C GLU B 159 -14.74 -1.66 -9.38
N CYS B 160 -13.53 -2.20 -9.29
CA CYS B 160 -13.17 -3.50 -9.84
C CYS B 160 -12.96 -4.61 -8.80
N GLY B 161 -13.98 -4.91 -8.01
CA GLY B 161 -13.81 -5.96 -7.01
C GLY B 161 -12.93 -5.45 -5.90
N ARG B 162 -11.93 -6.25 -5.53
CA ARG B 162 -10.98 -5.86 -4.47
C ARG B 162 -10.17 -4.61 -4.87
N LEU B 163 -10.00 -4.39 -6.18
CA LEU B 163 -9.23 -3.24 -6.69
C LEU B 163 -10.08 -2.01 -7.00
N SER B 164 -9.42 -0.84 -6.97
CA SER B 164 -10.08 0.43 -7.25
C SER B 164 -9.15 1.47 -7.85
N TYR B 165 -9.60 2.05 -8.97
CA TYR B 165 -8.81 3.07 -9.64
C TYR B 165 -9.59 4.36 -9.56
N CYS B 166 -9.04 5.32 -8.82
CA CYS B 166 -9.70 6.58 -8.62
C CYS B 166 -8.98 7.75 -9.27
N LEU B 167 -9.73 8.57 -10.01
CA LEU B 167 -9.18 9.74 -10.69
C LEU B 167 -8.55 10.72 -9.70
N GLU B 168 -7.55 11.46 -10.16
CA GLU B 168 -6.86 12.47 -9.35
C GLU B 168 -7.39 13.90 -9.59
N ASP B 169 -8.71 14.04 -9.71
CA ASP B 169 -9.40 15.33 -9.92
C ASP B 169 -8.51 16.56 -9.77
N THR B 170 -7.70 16.81 -10.81
CA THR B 170 -6.75 17.92 -10.84
C THR B 170 -7.27 19.36 -10.75
N ALA B 171 -6.44 20.28 -11.22
CA ALA B 171 -6.72 21.72 -11.22
C ALA B 171 -8.15 22.12 -11.56
N GLY B 172 -8.36 22.57 -12.79
CA GLY B 172 -9.68 23.00 -13.25
C GLY B 172 -10.88 22.24 -12.73
N GLY B 173 -10.64 21.09 -12.11
CA GLY B 173 -11.73 20.30 -11.56
C GLY B 173 -12.47 19.53 -12.64
N PHE B 174 -13.77 19.35 -12.44
CA PHE B 174 -14.61 18.62 -13.38
C PHE B 174 -14.42 19.08 -14.82
N GLN B 175 -14.73 20.34 -15.09
CA GLN B 175 -14.60 20.89 -16.44
C GLN B 175 -13.21 20.64 -17.03
N GLN B 176 -12.22 20.48 -16.15
CA GLN B 176 -10.87 20.21 -16.60
C GLN B 176 -10.82 18.78 -17.14
N LEU B 177 -11.43 17.86 -16.40
CA LEU B 177 -11.46 16.46 -16.77
C LEU B 177 -12.02 16.24 -18.18
N LEU B 178 -13.17 16.84 -18.44
CA LEU B 178 -13.81 16.68 -19.75
C LEU B 178 -12.88 17.05 -20.90
N LEU B 179 -11.83 17.81 -20.61
CA LEU B 179 -10.85 18.19 -21.63
C LEU B 179 -10.21 16.94 -22.22
N GLU B 180 -10.20 15.86 -21.45
CA GLU B 180 -9.63 14.60 -21.89
C GLU B 180 -10.78 13.76 -22.47
N PRO B 181 -10.76 13.49 -23.78
CA PRO B 181 -11.80 12.72 -24.46
C PRO B 181 -12.08 11.34 -23.86
N MET B 182 -11.03 10.70 -23.36
CA MET B 182 -11.16 9.38 -22.75
C MET B 182 -12.09 9.44 -21.53
N LEU B 183 -11.95 10.50 -20.75
CA LEU B 183 -12.77 10.68 -19.58
C LEU B 183 -14.16 11.24 -19.92
N LYS B 184 -14.21 12.17 -20.86
CA LYS B 184 -15.49 12.75 -21.24
C LYS B 184 -16.43 11.64 -21.71
N PHE B 185 -15.85 10.63 -22.35
CA PHE B 185 -16.62 9.50 -22.86
C PHE B 185 -17.30 8.70 -21.77
N HIS B 186 -16.54 8.36 -20.74
CA HIS B 186 -17.06 7.57 -19.63
C HIS B 186 -18.18 8.28 -18.91
N TYR B 187 -18.01 9.59 -18.68
CA TYR B 187 -19.05 10.35 -18.01
C TYR B 187 -20.29 10.46 -18.88
N MET B 188 -20.13 10.83 -20.15
CA MET B 188 -21.30 10.96 -21.04
C MET B 188 -22.06 9.65 -21.15
N LEU B 189 -21.34 8.56 -21.40
CA LEU B 189 -21.93 7.23 -21.53
C LEU B 189 -22.62 6.76 -20.26
N LYS B 190 -22.04 7.08 -19.11
CA LYS B 190 -22.64 6.69 -17.84
C LYS B 190 -23.92 7.48 -17.64
N LYS B 191 -23.92 8.69 -18.20
CA LYS B 191 -25.04 9.61 -18.10
C LYS B 191 -26.31 9.07 -18.75
N LEU B 192 -26.16 8.20 -19.74
CA LEU B 192 -27.33 7.64 -20.44
C LEU B 192 -28.04 6.52 -19.68
N GLN B 193 -27.44 6.08 -18.58
CA GLN B 193 -28.01 5.00 -17.75
C GLN B 193 -28.49 3.81 -18.59
N LEU B 194 -27.58 3.24 -19.38
CA LEU B 194 -27.90 2.12 -20.24
C LEU B 194 -28.10 0.83 -19.45
N HIS B 195 -28.86 -0.09 -20.05
CA HIS B 195 -29.15 -1.40 -19.47
C HIS B 195 -28.01 -2.36 -19.82
N GLU B 196 -28.07 -3.58 -19.32
CA GLU B 196 -27.03 -4.57 -19.60
C GLU B 196 -27.15 -4.97 -21.06
N GLU B 197 -28.38 -5.11 -21.51
CA GLU B 197 -28.67 -5.49 -22.89
C GLU B 197 -28.17 -4.42 -23.87
N GLU B 198 -28.30 -3.14 -23.50
CA GLU B 198 -27.80 -2.10 -24.40
C GLU B 198 -26.27 -2.10 -24.44
N TYR B 199 -25.62 -2.29 -23.28
CA TYR B 199 -24.17 -2.35 -23.27
C TYR B 199 -23.67 -3.52 -24.15
N VAL B 200 -24.28 -4.69 -23.98
CA VAL B 200 -23.86 -5.86 -24.73
C VAL B 200 -24.05 -5.69 -26.24
N LEU B 201 -25.18 -5.12 -26.65
CA LEU B 201 -25.43 -4.86 -28.06
C LEU B 201 -24.34 -3.94 -28.61
N MET B 202 -23.96 -2.92 -27.84
CA MET B 202 -22.92 -2.00 -28.26
C MET B 202 -21.61 -2.77 -28.50
N GLN B 203 -21.25 -3.65 -27.57
CA GLN B 203 -20.01 -4.43 -27.76
C GLN B 203 -20.15 -5.14 -29.11
N ALA B 204 -21.31 -5.75 -29.33
CA ALA B 204 -21.57 -6.46 -30.59
C ALA B 204 -21.29 -5.58 -31.80
N ILE B 205 -22.02 -4.48 -31.92
CA ILE B 205 -21.87 -3.57 -33.04
C ILE B 205 -20.41 -3.16 -33.21
N SER B 206 -19.79 -2.77 -32.11
CA SER B 206 -18.40 -2.36 -32.15
C SER B 206 -17.52 -3.50 -32.65
N LEU B 207 -17.77 -4.71 -32.16
CA LEU B 207 -16.99 -5.89 -32.57
C LEU B 207 -17.11 -6.22 -34.06
N PHE B 208 -18.34 -6.28 -34.56
CA PHE B 208 -18.54 -6.58 -35.96
C PHE B 208 -18.55 -5.35 -36.87
N SER B 209 -17.40 -4.72 -37.00
CA SER B 209 -17.24 -3.55 -37.86
C SER B 209 -16.50 -3.98 -39.12
N PRO B 210 -17.18 -3.95 -40.27
CA PRO B 210 -16.56 -4.33 -41.54
C PRO B 210 -15.41 -3.40 -41.91
N ASP B 211 -15.59 -2.12 -41.63
CA ASP B 211 -14.60 -1.10 -41.96
C ASP B 211 -13.32 -1.19 -41.12
N ARG B 212 -13.00 -2.39 -40.65
CA ARG B 212 -11.78 -2.58 -39.88
C ARG B 212 -10.66 -2.98 -40.82
N PRO B 213 -9.50 -2.31 -40.71
CA PRO B 213 -8.39 -2.66 -41.61
C PRO B 213 -8.01 -4.14 -41.57
N GLY B 214 -8.01 -4.78 -42.73
CA GLY B 214 -7.64 -6.19 -42.81
C GLY B 214 -8.75 -7.20 -42.74
N VAL B 215 -9.99 -6.75 -42.89
CA VAL B 215 -11.13 -7.67 -42.85
C VAL B 215 -11.45 -8.13 -44.26
N LEU B 216 -11.86 -9.39 -44.38
CA LEU B 216 -12.20 -9.98 -45.67
C LEU B 216 -13.71 -10.07 -45.86
N GLN B 217 -14.35 -10.86 -45.00
CA GLN B 217 -15.80 -11.05 -45.06
C GLN B 217 -16.56 -9.75 -44.76
N HIS B 218 -16.01 -8.63 -45.21
CA HIS B 218 -16.61 -7.32 -44.97
C HIS B 218 -18.09 -7.24 -45.38
N ARG B 219 -18.59 -8.30 -45.97
CA ARG B 219 -19.98 -8.33 -46.40
C ARG B 219 -20.84 -8.90 -45.27
N VAL B 220 -20.48 -10.12 -44.84
CA VAL B 220 -21.19 -10.81 -43.76
C VAL B 220 -21.18 -9.99 -42.47
N VAL B 221 -20.04 -9.37 -42.19
CA VAL B 221 -19.87 -8.53 -41.00
C VAL B 221 -20.87 -7.39 -41.09
N ASP B 222 -20.78 -6.61 -42.15
CA ASP B 222 -21.68 -5.47 -42.38
C ASP B 222 -23.16 -5.86 -42.22
N GLN B 223 -23.48 -7.11 -42.56
CA GLN B 223 -24.86 -7.59 -42.44
C GLN B 223 -25.18 -7.92 -40.99
N LEU B 224 -24.21 -8.50 -40.29
CA LEU B 224 -24.40 -8.84 -38.89
C LEU B 224 -24.51 -7.56 -38.08
N GLN B 225 -23.53 -6.67 -38.25
CA GLN B 225 -23.56 -5.41 -37.51
C GLN B 225 -24.91 -4.74 -37.66
N GLU B 226 -25.58 -4.97 -38.79
CA GLU B 226 -26.87 -4.36 -39.01
C GLU B 226 -28.01 -5.04 -38.26
N GLN B 227 -27.98 -6.36 -38.15
CA GLN B 227 -29.04 -7.06 -37.43
C GLN B 227 -28.96 -6.63 -35.95
N PHE B 228 -27.73 -6.46 -35.46
CA PHE B 228 -27.45 -6.01 -34.10
C PHE B 228 -28.01 -4.63 -33.85
N ALA B 229 -27.73 -3.70 -34.76
CA ALA B 229 -28.21 -2.32 -34.65
C ALA B 229 -29.74 -2.27 -34.59
N ILE B 230 -30.39 -2.91 -35.56
CA ILE B 230 -31.84 -2.96 -35.61
C ILE B 230 -32.42 -3.57 -34.35
N THR B 231 -31.74 -4.59 -33.81
CA THR B 231 -32.21 -5.25 -32.60
C THR B 231 -32.12 -4.28 -31.42
N LEU B 232 -31.02 -3.54 -31.37
CA LEU B 232 -30.81 -2.56 -30.31
C LEU B 232 -31.93 -1.51 -30.39
N LYS B 233 -32.12 -0.94 -31.57
CA LYS B 233 -33.16 0.05 -31.75
C LYS B 233 -34.49 -0.55 -31.38
N SER B 234 -34.73 -1.77 -31.87
CA SER B 234 -35.97 -2.48 -31.59
C SER B 234 -36.18 -2.63 -30.08
N TYR B 235 -35.09 -2.99 -29.38
CA TYR B 235 -35.10 -3.17 -27.93
C TYR B 235 -35.40 -1.88 -27.16
N ILE B 236 -34.78 -0.78 -27.57
CA ILE B 236 -34.97 0.49 -26.88
C ILE B 236 -36.42 0.98 -26.96
N GLU B 237 -37.11 0.60 -28.03
CA GLU B 237 -38.52 0.98 -28.20
C GLU B 237 -39.43 0.13 -27.35
N CYS B 238 -39.10 -1.16 -27.25
CA CYS B 238 -39.90 -2.10 -26.47
C CYS B 238 -39.62 -2.07 -24.97
N ASN B 239 -38.72 -1.19 -24.52
CA ASN B 239 -38.40 -1.14 -23.09
C ASN B 239 -38.09 0.23 -22.49
N ARG B 240 -38.31 1.30 -23.25
CA ARG B 240 -38.01 2.63 -22.71
C ARG B 240 -38.98 3.74 -23.17
N PRO B 241 -40.23 3.71 -22.66
CA PRO B 241 -41.19 4.75 -23.06
C PRO B 241 -40.67 6.17 -22.78
N GLN B 242 -40.45 6.45 -21.50
CA GLN B 242 -39.96 7.73 -21.01
C GLN B 242 -39.23 8.63 -22.01
N PRO B 243 -39.66 9.90 -22.10
CA PRO B 243 -39.13 10.95 -22.99
C PRO B 243 -37.67 11.26 -22.72
N ALA B 244 -37.26 11.02 -21.47
CA ALA B 244 -35.87 11.27 -21.08
C ALA B 244 -34.94 10.40 -21.93
N HIS B 245 -35.54 9.45 -22.65
CA HIS B 245 -34.81 8.52 -23.50
C HIS B 245 -35.05 8.73 -24.99
N ARG B 246 -35.60 9.88 -25.35
CA ARG B 246 -35.84 10.18 -26.75
C ARG B 246 -34.49 10.18 -27.43
N PHE B 247 -34.44 9.59 -28.63
CA PHE B 247 -33.19 9.56 -29.38
C PHE B 247 -32.09 8.76 -28.70
N LEU B 248 -32.44 7.93 -27.73
CA LEU B 248 -31.43 7.13 -27.04
C LEU B 248 -30.63 6.26 -28.05
N PHE B 249 -31.33 5.50 -28.89
CA PHE B 249 -30.68 4.68 -29.88
C PHE B 249 -29.65 5.47 -30.68
N LEU B 250 -30.02 6.70 -31.03
CA LEU B 250 -29.16 7.58 -31.83
C LEU B 250 -27.96 8.10 -31.02
N LYS B 251 -28.16 8.40 -29.75
CA LYS B 251 -27.07 8.86 -28.91
C LYS B 251 -26.05 7.73 -28.79
N ILE B 252 -26.56 6.52 -28.58
CA ILE B 252 -25.70 5.34 -28.48
C ILE B 252 -24.80 5.23 -29.73
N MET B 253 -25.41 5.32 -30.93
CA MET B 253 -24.66 5.21 -32.18
C MET B 253 -23.64 6.37 -32.33
N ALA B 254 -23.99 7.55 -31.87
CA ALA B 254 -23.05 8.65 -31.96
C ALA B 254 -21.89 8.31 -31.00
N MET B 255 -22.23 7.71 -29.87
CA MET B 255 -21.22 7.32 -28.89
C MET B 255 -20.29 6.26 -29.46
N LEU B 256 -20.84 5.35 -30.25
CA LEU B 256 -20.01 4.31 -30.86
C LEU B 256 -19.06 4.88 -31.91
N THR B 257 -19.49 5.93 -32.59
CA THR B 257 -18.66 6.55 -33.60
C THR B 257 -17.56 7.34 -32.90
N GLU B 258 -17.90 7.94 -31.77
CA GLU B 258 -16.92 8.71 -30.98
C GLU B 258 -15.91 7.71 -30.40
N LEU B 259 -16.42 6.58 -29.93
CA LEU B 259 -15.56 5.53 -29.36
C LEU B 259 -14.58 5.04 -30.41
N ARG B 260 -15.03 4.99 -31.66
CA ARG B 260 -14.15 4.54 -32.73
C ARG B 260 -13.03 5.56 -32.88
N SER B 261 -13.38 6.83 -32.73
CA SER B 261 -12.41 7.90 -32.83
C SER B 261 -11.40 7.84 -31.69
N ILE B 262 -11.90 7.67 -30.47
CA ILE B 262 -11.07 7.58 -29.28
C ILE B 262 -10.07 6.42 -29.37
N ASN B 263 -10.46 5.37 -30.09
CA ASN B 263 -9.60 4.21 -30.27
C ASN B 263 -8.36 4.58 -31.06
N ALA B 264 -8.56 5.38 -32.11
CA ALA B 264 -7.46 5.82 -32.96
C ALA B 264 -6.46 6.67 -32.18
N GLN B 265 -6.96 7.69 -31.50
CA GLN B 265 -6.11 8.57 -30.72
C GLN B 265 -5.39 7.75 -29.64
N HIS B 266 -6.14 6.86 -28.99
CA HIS B 266 -5.56 6.06 -27.93
C HIS B 266 -4.36 5.24 -28.38
N THR B 267 -4.50 4.55 -29.50
CA THR B 267 -3.41 3.73 -30.01
C THR B 267 -2.20 4.63 -30.26
N GLN B 268 -2.45 5.78 -30.89
CA GLN B 268 -1.37 6.73 -31.17
C GLN B 268 -0.72 7.07 -29.83
N ARG B 269 -1.57 7.36 -28.85
CA ARG B 269 -1.08 7.71 -27.51
C ARG B 269 -0.19 6.60 -26.92
N LEU B 270 -0.71 5.37 -26.92
CA LEU B 270 0.00 4.23 -26.35
C LEU B 270 1.37 4.05 -26.99
N LEU B 271 1.43 4.15 -28.32
CA LEU B 271 2.70 3.99 -29.03
C LEU B 271 3.74 4.99 -28.54
N ARG B 272 3.34 6.25 -28.34
CA ARG B 272 4.26 7.26 -27.85
C ARG B 272 4.85 6.83 -26.52
N ILE B 273 3.98 6.51 -25.56
CA ILE B 273 4.43 6.08 -24.23
C ILE B 273 5.34 4.87 -24.35
N GLN B 274 5.00 3.97 -25.27
CA GLN B 274 5.77 2.76 -25.51
C GLN B 274 7.15 3.12 -26.08
N ASP B 275 7.16 4.00 -27.08
CA ASP B 275 8.39 4.42 -27.73
C ASP B 275 9.38 5.03 -26.74
N ILE B 276 8.87 5.62 -25.68
CA ILE B 276 9.71 6.25 -24.66
C ILE B 276 9.99 5.37 -23.45
N HIS B 277 8.99 4.60 -23.02
CA HIS B 277 9.15 3.75 -21.85
C HIS B 277 8.30 2.49 -22.00
N PRO B 278 8.77 1.53 -22.82
CA PRO B 278 8.08 0.26 -23.08
C PRO B 278 7.52 -0.44 -21.85
N PHE B 279 6.35 -1.06 -22.02
CA PHE B 279 5.65 -1.75 -20.93
C PHE B 279 4.65 -2.73 -21.51
N ALA B 280 4.11 -2.41 -22.67
CA ALA B 280 3.12 -3.23 -23.37
C ALA B 280 3.44 -4.73 -23.37
N THR B 281 2.51 -5.53 -22.86
CA THR B 281 2.68 -6.98 -22.82
C THR B 281 2.63 -7.51 -24.26
N PRO B 282 3.03 -8.78 -24.47
CA PRO B 282 3.01 -9.39 -25.81
C PRO B 282 1.66 -9.35 -26.50
N LEU B 283 0.61 -9.72 -25.76
CA LEU B 283 -0.75 -9.71 -26.32
C LEU B 283 -1.15 -8.29 -26.72
N MET B 284 -0.68 -7.31 -25.96
CA MET B 284 -0.96 -5.91 -26.22
C MET B 284 -0.19 -5.46 -27.48
N GLN B 285 1.05 -5.93 -27.59
CA GLN B 285 1.86 -5.60 -28.76
C GLN B 285 1.16 -6.07 -30.02
N GLU B 286 0.53 -7.23 -29.95
CA GLU B 286 -0.19 -7.79 -31.08
C GLU B 286 -1.47 -7.01 -31.38
N LEU B 287 -2.26 -6.76 -30.34
CA LEU B 287 -3.52 -6.05 -30.49
C LEU B 287 -3.39 -4.62 -30.98
N PHE B 288 -2.26 -3.98 -30.67
CA PHE B 288 -2.05 -2.60 -31.09
C PHE B 288 -1.18 -2.51 -32.35
N GLY B 289 0.08 -2.91 -32.24
CA GLY B 289 0.95 -2.85 -33.39
C GLY B 289 2.43 -2.95 -33.06
N ILE B 290 2.79 -2.82 -31.79
CA ILE B 290 4.20 -2.88 -31.42
C ILE B 290 4.77 -4.29 -31.53
N THR B 291 4.44 -5.02 -32.58
CA THR B 291 5.00 -6.36 -32.72
C THR B 291 6.53 -6.18 -32.80
N GLY B 292 6.96 -5.29 -33.70
CA GLY B 292 8.38 -5.03 -33.84
C GLY B 292 8.71 -3.73 -33.15
N SER C 1 24.49 -21.42 30.11
CA SER C 1 25.04 -20.19 30.65
C SER C 1 24.26 -18.98 30.15
N LEU C 2 24.36 -17.87 30.88
CA LEU C 2 23.67 -16.63 30.50
C LEU C 2 24.28 -16.13 29.20
N THR C 3 25.58 -16.38 29.04
CA THR C 3 26.29 -15.98 27.84
C THR C 3 25.87 -16.98 26.76
N GLU C 4 25.86 -18.26 27.14
CA GLU C 4 25.50 -19.36 26.25
C GLU C 4 24.05 -19.32 25.77
N ARG C 5 23.20 -18.54 26.42
CA ARG C 5 21.80 -18.45 26.03
C ARG C 5 21.53 -17.15 25.28
N HIS C 6 22.58 -16.46 24.87
CA HIS C 6 22.45 -15.21 24.15
C HIS C 6 23.52 -15.09 23.08
N LYS C 7 23.53 -16.04 22.15
CA LYS C 7 24.48 -16.09 21.05
C LYS C 7 24.64 -14.76 20.33
N ILE C 8 23.67 -14.44 19.49
CA ILE C 8 23.69 -13.18 18.71
C ILE C 8 24.01 -11.97 19.58
N LEU C 9 23.21 -11.74 20.62
CA LEU C 9 23.44 -10.60 21.52
C LEU C 9 24.93 -10.52 21.86
N HIS C 10 25.48 -11.61 22.40
CA HIS C 10 26.91 -11.66 22.76
C HIS C 10 27.78 -11.52 21.52
N ARG C 11 27.38 -12.24 20.46
CA ARG C 11 28.10 -12.19 19.19
C ARG C 11 28.15 -10.73 18.73
N LEU C 12 27.09 -9.98 19.01
CA LEU C 12 27.02 -8.58 18.63
C LEU C 12 27.83 -7.70 19.56
N LEU C 13 28.02 -8.17 20.80
CA LEU C 13 28.77 -7.39 21.79
C LEU C 13 30.26 -7.17 21.46
N GLN C 14 30.85 -7.99 20.61
CA GLN C 14 32.26 -7.81 20.24
C GLN C 14 32.49 -7.72 18.73
N GLU C 15 32.83 -6.53 18.27
CA GLU C 15 33.08 -6.27 16.85
C GLU C 15 33.61 -4.85 16.63
N SER D 1 2.05 -14.26 -42.90
CA SER D 1 0.60 -14.23 -42.83
C SER D 1 0.16 -13.41 -41.62
N LEU D 2 -1.10 -12.96 -41.63
CA LEU D 2 -1.65 -12.16 -40.55
C LEU D 2 -1.86 -13.00 -39.29
N THR D 3 -1.53 -14.29 -39.39
CA THR D 3 -1.70 -15.21 -38.27
C THR D 3 -0.36 -15.75 -37.80
N GLU D 4 0.72 -15.25 -38.40
CA GLU D 4 2.06 -15.70 -38.04
C GLU D 4 2.67 -14.83 -36.94
N ARG D 5 2.51 -13.52 -37.05
CA ARG D 5 3.06 -12.60 -36.07
C ARG D 5 2.01 -12.29 -35.00
N HIS D 6 1.18 -13.28 -34.70
CA HIS D 6 0.12 -13.15 -33.70
C HIS D 6 -0.07 -14.45 -32.93
N LYS D 7 1.03 -15.15 -32.68
CA LYS D 7 1.00 -16.41 -31.96
C LYS D 7 0.02 -16.42 -30.79
N ILE D 8 0.14 -15.43 -29.90
CA ILE D 8 -0.74 -15.36 -28.74
C ILE D 8 -2.21 -15.17 -29.10
N LEU D 9 -2.48 -14.31 -30.07
CA LEU D 9 -3.86 -14.07 -30.47
C LEU D 9 -4.41 -15.35 -31.07
N HIS D 10 -3.58 -15.98 -31.91
CA HIS D 10 -3.94 -17.22 -32.58
C HIS D 10 -4.11 -18.36 -31.60
N ARG D 11 -3.26 -18.39 -30.57
CA ARG D 11 -3.32 -19.44 -29.57
C ARG D 11 -4.65 -19.36 -28.81
N LEU D 12 -5.04 -18.15 -28.44
CA LEU D 12 -6.28 -17.92 -27.69
C LEU D 12 -7.53 -18.29 -28.49
N LEU D 13 -7.49 -18.06 -29.79
CA LEU D 13 -8.62 -18.38 -30.65
C LEU D 13 -8.72 -19.89 -30.90
N GLN D 14 -7.62 -20.59 -30.68
CA GLN D 14 -7.57 -22.04 -30.89
C GLN D 14 -7.87 -22.88 -29.65
N GLU D 15 -7.89 -22.24 -28.49
CA GLU D 15 -8.19 -22.95 -27.26
C GLU D 15 -9.62 -22.65 -26.81
#